data_8BZ0
#
_entry.id   8BZ0
#
_cell.length_a   81.693
_cell.length_b   111.927
_cell.length_c   62.519
_cell.angle_alpha   90.00
_cell.angle_beta   90.00
_cell.angle_gamma   90.00
#
_symmetry.space_group_name_H-M   'C 2 2 21'
#
loop_
_entity.id
_entity.type
_entity.pdbx_description
1 polymer '14-3-3 protein sigma'
2 polymer 'ERalpha peptide'
3 non-polymer 'MAGNESIUM ION'
4 non-polymer 4-ethoxy-1-benzothiophene-2-carboximidamide
5 water water
#
loop_
_entity_poly.entity_id
_entity_poly.type
_entity_poly.pdbx_seq_one_letter_code
_entity_poly.pdbx_strand_id
1 'polypeptide(L)'
;GAMGSMERASLIQKAKLAEQAERYEDMAAFMKGAVEKGEELSCEERNLLSVAYKNVVGGQRAAWRVLSSIEQKSNEEGSE
EKGPEVREYREKVETELQGVCDTVLGLLDSHLIKEAGDAESRVFYLKMKGDYYRYLAEVATGDDKKRIIDSARSAYQEAM
DISKKEMPPTNPIRLGLALNFSVFHYEIANSPEEAISLAKTTFDEAMADLHTLSEDSYKDSTLIMQLLRDNLTLWT
;
A
2 'polypeptide(L)' FPA(TPO)V B
#
loop_
_chem_comp.id
_chem_comp.type
_chem_comp.name
_chem_comp.formula
MG non-polymer 'MAGNESIUM ION' 'Mg 2'
SDM non-polymer 4-ethoxy-1-benzothiophene-2-carboximidamide 'C11 H12 N2 O S'
#
# COMPACT_ATOMS: atom_id res chain seq x y z
N GLY A 1 22.21 -11.44 0.37
CA GLY A 1 21.55 -10.37 1.21
C GLY A 1 22.54 -9.73 2.14
N ALA A 2 22.70 -8.41 2.04
CA ALA A 2 23.63 -7.70 2.89
C ALA A 2 23.26 -7.81 4.36
N MET A 3 22.01 -8.17 4.69
CA MET A 3 21.63 -8.35 6.08
C MET A 3 21.71 -9.80 6.55
N GLY A 4 22.22 -10.70 5.71
CA GLY A 4 22.25 -12.10 6.05
C GLY A 4 23.03 -12.44 7.31
N SER A 5 24.04 -11.63 7.66
CA SER A 5 24.83 -11.93 8.84
C SER A 5 24.30 -11.34 10.12
N MET A 6 23.26 -10.51 10.04
CA MET A 6 22.68 -9.90 11.23
C MET A 6 21.55 -10.72 11.80
N GLU A 7 21.54 -10.84 13.13
CA GLU A 7 20.46 -11.55 13.81
C GLU A 7 19.11 -10.96 13.47
N ARG A 8 18.09 -11.82 13.38
CA ARG A 8 16.72 -11.36 13.17
C ARG A 8 16.30 -10.33 14.21
N ALA A 9 16.54 -10.61 15.49
CA ALA A 9 16.09 -9.69 16.52
C ALA A 9 16.80 -8.34 16.42
N SER A 10 18.06 -8.36 16.01
CA SER A 10 18.83 -7.12 15.85
C SER A 10 18.31 -6.32 14.67
N LEU A 11 17.92 -7.00 13.59
CA LEU A 11 17.30 -6.30 12.47
C LEU A 11 16.01 -5.62 12.88
N ILE A 12 15.17 -6.32 13.64
CA ILE A 12 13.92 -5.73 14.11
C ILE A 12 14.20 -4.53 15.02
N GLN A 13 15.17 -4.68 15.94
CA GLN A 13 15.52 -3.58 16.83
C GLN A 13 16.00 -2.37 16.02
N LYS A 14 16.85 -2.62 15.03
CA LYS A 14 17.35 -1.51 14.22
C LYS A 14 16.26 -0.91 13.35
N ALA A 15 15.30 -1.70 12.88
CA ALA A 15 14.18 -1.11 12.16
C ALA A 15 13.43 -0.11 13.05
N LYS A 16 13.27 -0.44 14.33
CA LYS A 16 12.58 0.47 15.23
C LYS A 16 13.40 1.73 15.49
N LEU A 17 14.72 1.59 15.61
CA LEU A 17 15.59 2.76 15.74
C LEU A 17 15.53 3.63 14.50
N ALA A 18 15.55 2.99 13.32
CA ALA A 18 15.49 3.73 12.07
C ALA A 18 14.17 4.49 11.97
N GLU A 19 13.07 3.89 12.41
CA GLU A 19 11.79 4.59 12.43
C GLU A 19 11.89 5.84 13.30
N GLN A 20 12.46 5.71 14.50
CA GLN A 20 12.58 6.87 15.38
C GLN A 20 13.43 7.96 14.74
N ALA A 21 14.46 7.57 14.00
CA ALA A 21 15.36 8.51 13.33
C ALA A 21 14.83 8.98 11.98
N GLU A 22 13.65 8.53 11.57
CA GLU A 22 13.06 8.88 10.27
C GLU A 22 13.99 8.50 9.12
N ARG A 23 14.63 7.34 9.24
CA ARG A 23 15.50 6.76 8.24
C ARG A 23 14.76 5.59 7.61
N TYR A 24 13.80 5.90 6.74
CA TYR A 24 12.89 4.85 6.28
C TYR A 24 13.52 3.92 5.27
N GLU A 25 14.48 4.38 4.46
CA GLU A 25 15.19 3.46 3.59
C GLU A 25 15.94 2.42 4.40
N ASP A 26 16.62 2.86 5.46
CA ASP A 26 17.28 1.90 6.35
C ASP A 26 16.25 0.96 6.97
N MET A 27 15.17 1.53 7.49
CA MET A 27 14.10 0.71 8.08
C MET A 27 13.63 -0.38 7.12
N ALA A 28 13.41 -0.03 5.86
CA ALA A 28 12.97 -1.02 4.90
C ALA A 28 14.03 -2.07 4.64
N ALA A 29 15.31 -1.67 4.58
CA ALA A 29 16.37 -2.65 4.36
C ALA A 29 16.47 -3.61 5.54
N PHE A 30 16.33 -3.11 6.76
CA PHE A 30 16.37 -3.99 7.92
C PHE A 30 15.19 -4.96 7.88
N MET A 31 13.99 -4.47 7.58
CA MET A 31 12.81 -5.35 7.56
C MET A 31 12.86 -6.35 6.42
N LYS A 32 13.41 -5.97 5.27
CA LYS A 32 13.65 -6.95 4.21
C LYS A 32 14.58 -8.05 4.71
N GLY A 33 15.65 -7.67 5.39
CA GLY A 33 16.52 -8.67 5.97
C GLY A 33 15.81 -9.58 6.95
N ALA A 34 14.92 -9.00 7.77
CA ALA A 34 14.17 -9.82 8.72
C ALA A 34 13.25 -10.80 7.99
N VAL A 35 12.54 -10.34 6.97
CA VAL A 35 11.70 -11.25 6.21
C VAL A 35 12.53 -12.38 5.62
N GLU A 36 13.71 -12.06 5.11
CA GLU A 36 14.52 -13.06 4.44
C GLU A 36 15.11 -14.08 5.40
N LYS A 37 14.95 -13.90 6.71
CA LYS A 37 15.27 -14.97 7.65
C LYS A 37 14.36 -16.19 7.50
N GLY A 38 13.20 -16.02 6.88
CA GLY A 38 12.34 -17.14 6.55
C GLY A 38 11.23 -17.44 7.54
N GLU A 39 11.25 -16.83 8.71
CA GLU A 39 10.20 -17.03 9.69
C GLU A 39 9.02 -16.08 9.39
N GLU A 40 7.83 -16.52 9.81
CA GLU A 40 6.66 -15.67 9.74
C GLU A 40 6.87 -14.43 10.60
N LEU A 41 6.11 -13.39 10.30
CA LEU A 41 6.21 -12.10 10.98
C LEU A 41 5.05 -11.95 11.94
N SER A 42 5.32 -11.42 13.12
CA SER A 42 4.27 -11.05 14.05
C SER A 42 3.52 -9.82 13.56
N CYS A 43 2.43 -9.50 14.24
CA CYS A 43 1.66 -8.30 13.87
C CYS A 43 2.53 -7.05 13.90
N GLU A 44 3.30 -6.85 14.96
CA GLU A 44 4.13 -5.66 15.04
C GLU A 44 5.15 -5.65 13.93
N GLU A 45 5.74 -6.81 13.62
CA GLU A 45 6.75 -6.88 12.57
C GLU A 45 6.15 -6.61 11.20
N ARG A 46 4.93 -7.12 10.93
CA ARG A 46 4.28 -6.83 9.66
C ARG A 46 4.09 -5.33 9.48
N ASN A 47 3.70 -4.64 10.55
CA ASN A 47 3.50 -3.20 10.47
C ASN A 47 4.81 -2.44 10.38
N LEU A 48 5.90 -2.94 10.95
CA LEU A 48 7.18 -2.30 10.72
C LEU A 48 7.55 -2.40 9.24
N LEU A 49 7.31 -3.56 8.64
CA LEU A 49 7.59 -3.74 7.22
C LEU A 49 6.78 -2.77 6.39
N SER A 50 5.48 -2.69 6.66
CA SER A 50 4.63 -1.84 5.84
C SER A 50 4.94 -0.35 6.05
N VAL A 51 5.17 0.08 7.29
CA VAL A 51 5.50 1.49 7.53
C VAL A 51 6.74 1.87 6.75
N ALA A 52 7.77 1.02 6.79
CA ALA A 52 9.02 1.33 6.13
C ALA A 52 8.84 1.51 4.63
N TYR A 53 8.27 0.51 3.96
CA TYR A 53 8.17 0.59 2.51
C TYR A 53 7.13 1.62 2.09
N LYS A 54 6.10 1.84 2.90
CA LYS A 54 5.11 2.86 2.52
C LYS A 54 5.75 4.24 2.50
N ASN A 55 6.62 4.52 3.46
CA ASN A 55 7.32 5.80 3.48
C ASN A 55 8.27 5.94 2.32
N VAL A 56 9.03 4.88 2.01
CA VAL A 56 9.94 4.93 0.88
C VAL A 56 9.18 5.17 -0.42
N VAL A 57 8.20 4.31 -0.73
CA VAL A 57 7.49 4.42 -2.01
C VAL A 57 6.67 5.69 -2.04
N GLY A 58 6.20 6.16 -0.88
CA GLY A 58 5.44 7.40 -0.85
C GLY A 58 6.28 8.58 -1.29
N GLY A 59 7.54 8.64 -0.85
CA GLY A 59 8.42 9.68 -1.32
C GLY A 59 8.68 9.58 -2.81
N GLN A 60 8.83 8.35 -3.31
CA GLN A 60 9.06 8.17 -4.74
C GLN A 60 7.85 8.60 -5.55
N ARG A 61 6.65 8.23 -5.10
CA ARG A 61 5.43 8.64 -5.78
C ARG A 61 5.28 10.16 -5.80
N ALA A 62 5.55 10.82 -4.68
CA ALA A 62 5.44 12.25 -4.67
C ALA A 62 6.41 12.87 -5.67
N ALA A 63 7.63 12.37 -5.72
CA ALA A 63 8.63 12.90 -6.66
C ALA A 63 8.21 12.60 -8.08
N TRP A 64 7.73 11.39 -8.35
CA TRP A 64 7.27 11.05 -9.69
C TRP A 64 6.16 11.98 -10.14
N ARG A 65 5.23 12.33 -9.24
CA ARG A 65 4.14 13.21 -9.63
C ARG A 65 4.64 14.60 -9.98
N VAL A 66 5.60 15.12 -9.21
CA VAL A 66 6.18 16.43 -9.54
C VAL A 66 6.80 16.38 -10.92
N LEU A 67 7.63 15.37 -11.18
CA LEU A 67 8.35 15.29 -12.45
C LEU A 67 7.41 15.07 -13.61
N SER A 68 6.39 14.23 -13.42
CA SER A 68 5.40 13.98 -14.46
C SER A 68 4.66 15.25 -14.84
N SER A 69 4.31 16.05 -13.85
CA SER A 69 3.62 17.31 -14.13
C SER A 69 4.53 18.25 -14.92
N ILE A 70 5.81 18.32 -14.54
CA ILE A 70 6.74 19.16 -15.29
C ILE A 70 6.86 18.66 -16.72
N GLU A 71 6.95 17.35 -16.90
CA GLU A 71 7.08 16.77 -18.22
C GLU A 71 5.85 17.09 -19.06
N GLN A 72 4.66 16.96 -18.46
CA GLN A 72 3.43 17.26 -19.18
C GLN A 72 3.39 18.72 -19.63
N LYS A 73 3.82 19.64 -18.77
CA LYS A 73 3.89 21.05 -19.17
C LYS A 73 4.90 21.25 -20.30
N SER A 74 6.03 20.56 -20.24
CA SER A 74 7.05 20.74 -21.26
C SER A 74 6.65 20.16 -22.61
N ASN A 75 5.56 19.40 -22.67
CA ASN A 75 5.11 18.76 -23.90
C ASN A 75 3.86 19.41 -24.50
N GLU A 76 3.33 20.47 -23.91
CA GLU A 76 2.14 21.12 -24.45
C GLU A 76 2.52 22.21 -25.45
N GLU A 77 1.52 22.59 -26.27
CA GLU A 77 1.79 23.52 -27.37
C GLU A 77 2.24 24.88 -26.84
N GLY A 78 3.30 25.40 -27.43
CA GLY A 78 3.87 26.67 -27.03
C GLY A 78 5.04 26.55 -26.07
N SER A 79 5.29 25.36 -25.53
CA SER A 79 6.38 25.17 -24.59
C SER A 79 7.71 25.16 -25.32
N GLU A 80 8.74 25.70 -24.66
CA GLU A 80 10.08 25.63 -25.19
C GLU A 80 10.64 24.23 -25.01
N GLU A 81 11.18 23.66 -26.09
CA GLU A 81 11.80 22.35 -26.01
C GLU A 81 12.97 22.38 -25.04
N LYS A 82 12.87 21.62 -23.95
CA LYS A 82 13.91 21.61 -22.93
C LYS A 82 14.84 20.40 -23.04
N GLY A 83 14.70 19.57 -24.06
CA GLY A 83 15.55 18.42 -24.24
C GLY A 83 15.00 17.18 -23.58
N PRO A 84 15.79 16.10 -23.58
CA PRO A 84 15.32 14.83 -23.02
C PRO A 84 15.41 14.74 -21.50
N GLU A 85 15.91 15.77 -20.84
CA GLU A 85 16.30 15.62 -19.44
C GLU A 85 15.11 15.37 -18.51
N VAL A 86 13.99 16.04 -18.71
CA VAL A 86 12.85 15.83 -17.81
C VAL A 86 12.34 14.41 -17.92
N ARG A 87 12.15 13.94 -19.16
CA ARG A 87 11.74 12.54 -19.33
C ARG A 87 12.75 11.59 -18.73
N GLU A 88 14.04 11.84 -18.96
CA GLU A 88 15.04 10.92 -18.45
C GLU A 88 14.97 10.82 -16.94
N TYR A 89 14.85 11.97 -16.26
CA TYR A 89 14.86 11.95 -14.82
C TYR A 89 13.56 11.39 -14.26
N ARG A 90 12.42 11.71 -14.87
CA ARG A 90 11.18 11.04 -14.50
C ARG A 90 11.31 9.54 -14.66
N GLU A 91 11.94 9.10 -15.75
N GLU A 91 11.94 9.10 -15.75
CA GLU A 91 12.13 7.67 -15.98
CA GLU A 91 12.12 7.66 -15.95
C GLU A 91 13.04 7.05 -14.91
C GLU A 91 13.03 7.05 -14.88
N LYS A 92 14.05 7.79 -14.48
CA LYS A 92 14.94 7.29 -13.42
C LYS A 92 14.17 7.07 -12.14
N VAL A 93 13.41 8.07 -11.71
CA VAL A 93 12.62 7.92 -10.49
C VAL A 93 11.60 6.80 -10.65
N GLU A 94 10.98 6.70 -11.84
CA GLU A 94 9.99 5.66 -12.09
C GLU A 94 10.60 4.28 -11.97
N THR A 95 11.80 4.09 -12.53
CA THR A 95 12.46 2.78 -12.47
C THR A 95 12.81 2.43 -11.03
N GLU A 96 13.23 3.41 -10.24
CA GLU A 96 13.54 3.13 -8.84
C GLU A 96 12.27 2.77 -8.08
N LEU A 97 11.18 3.49 -8.33
CA LEU A 97 9.89 3.16 -7.73
C LEU A 97 9.45 1.76 -8.11
N GLN A 98 9.56 1.41 -9.39
CA GLN A 98 9.19 0.06 -9.81
C GLN A 98 10.05 -0.97 -9.12
N GLY A 99 11.33 -0.66 -8.92
CA GLY A 99 12.20 -1.58 -8.22
C GLY A 99 11.78 -1.83 -6.79
N VAL A 100 11.38 -0.78 -6.08
CA VAL A 100 10.84 -0.95 -4.72
C VAL A 100 9.59 -1.82 -4.75
N CYS A 101 8.65 -1.52 -5.66
CA CYS A 101 7.44 -2.32 -5.73
C CYS A 101 7.76 -3.78 -6.02
N ASP A 102 8.67 -4.02 -6.95
CA ASP A 102 9.04 -5.39 -7.28
C ASP A 102 9.66 -6.07 -6.08
N THR A 103 10.43 -5.35 -5.29
CA THR A 103 11.04 -5.93 -4.10
C THR A 103 9.97 -6.35 -3.09
N VAL A 104 9.01 -5.45 -2.83
CA VAL A 104 7.94 -5.78 -1.88
C VAL A 104 7.14 -6.96 -2.39
N LEU A 105 6.72 -6.92 -3.66
CA LEU A 105 5.95 -8.02 -4.23
C LEU A 105 6.74 -9.32 -4.18
N GLY A 106 8.07 -9.22 -4.35
CA GLY A 106 8.91 -10.40 -4.24
C GLY A 106 8.92 -10.99 -2.84
N LEU A 107 8.97 -10.16 -1.82
CA LEU A 107 8.89 -10.65 -0.45
C LEU A 107 7.56 -11.32 -0.19
N LEU A 108 6.48 -10.73 -0.71
CA LEU A 108 5.17 -11.32 -0.51
C LEU A 108 5.05 -12.68 -1.19
N ASP A 109 5.62 -12.81 -2.38
N ASP A 109 5.60 -12.81 -2.40
CA ASP A 109 5.54 -14.06 -3.12
CA ASP A 109 5.52 -14.07 -3.12
C ASP A 109 6.57 -15.08 -2.66
C ASP A 109 6.55 -15.09 -2.65
N SER A 110 7.61 -14.65 -1.96
CA SER A 110 8.69 -15.54 -1.51
C SER A 110 9.10 -15.16 -0.08
N HIS A 111 8.33 -15.59 0.91
CA HIS A 111 7.20 -16.52 0.81
C HIS A 111 6.14 -16.12 1.83
N LEU A 112 5.92 -14.82 2.03
CA LEU A 112 5.05 -14.39 3.12
C LEU A 112 3.62 -14.86 2.92
N ILE A 113 3.06 -14.67 1.72
CA ILE A 113 1.66 -14.98 1.54
C ILE A 113 1.40 -16.48 1.70
N LYS A 114 2.25 -17.32 1.13
CA LYS A 114 1.95 -18.75 1.14
C LYS A 114 1.98 -19.35 2.53
N GLU A 115 2.63 -18.70 3.50
CA GLU A 115 2.65 -19.20 4.88
C GLU A 115 1.67 -18.49 5.79
N ALA A 116 0.91 -17.52 5.25
CA ALA A 116 0.01 -16.70 6.05
C ALA A 116 -1.37 -17.35 6.04
N GLY A 117 -1.73 -17.96 7.16
CA GLY A 117 -3.00 -18.65 7.31
C GLY A 117 -4.05 -17.91 8.13
N ASP A 118 -3.65 -17.12 9.12
CA ASP A 118 -4.63 -16.39 9.90
C ASP A 118 -5.11 -15.18 9.10
N ALA A 119 -6.37 -14.80 9.30
CA ALA A 119 -6.90 -13.66 8.53
C ALA A 119 -6.07 -12.40 8.73
N GLU A 120 -5.62 -12.13 9.96
N GLU A 120 -5.62 -12.13 9.96
CA GLU A 120 -4.93 -10.87 10.18
CA GLU A 120 -4.92 -10.88 10.20
C GLU A 120 -3.60 -10.80 9.44
C GLU A 120 -3.60 -10.80 9.46
N SER A 121 -2.95 -11.95 9.21
CA SER A 121 -1.72 -11.91 8.42
C SER A 121 -2.05 -11.95 6.94
N ARG A 122 -2.93 -12.88 6.53
CA ARG A 122 -3.15 -13.07 5.11
C ARG A 122 -3.84 -11.87 4.47
N VAL A 123 -4.85 -11.31 5.12
CA VAL A 123 -5.50 -10.10 4.59
C VAL A 123 -4.51 -8.95 4.49
N PHE A 124 -3.67 -8.79 5.51
CA PHE A 124 -2.67 -7.73 5.49
C PHE A 124 -1.74 -7.87 4.30
N TYR A 125 -1.23 -9.09 4.04
CA TYR A 125 -0.28 -9.27 2.94
C TYR A 125 -0.96 -9.11 1.59
N LEU A 126 -2.20 -9.60 1.44
CA LEU A 126 -2.91 -9.42 0.20
C LEU A 126 -3.27 -7.96 -0.06
N LYS A 127 -3.61 -7.22 0.98
CA LYS A 127 -3.75 -5.78 0.86
C LYS A 127 -2.46 -5.15 0.36
N MET A 128 -1.32 -5.57 0.92
N MET A 128 -1.32 -5.56 0.94
CA MET A 128 -0.05 -5.01 0.47
CA MET A 128 -0.03 -5.06 0.50
C MET A 128 0.21 -5.35 -0.98
C MET A 128 0.20 -5.36 -0.97
N LYS A 129 -0.11 -6.58 -1.39
CA LYS A 129 0.05 -6.94 -2.79
C LYS A 129 -0.79 -6.06 -3.68
N GLY A 130 -2.04 -5.82 -3.30
CA GLY A 130 -2.87 -4.91 -4.08
C GLY A 130 -2.31 -3.50 -4.12
N ASP A 131 -1.84 -3.01 -2.97
CA ASP A 131 -1.27 -1.68 -2.89
C ASP A 131 -0.07 -1.51 -3.82
N TYR A 132 0.87 -2.47 -3.80
CA TYR A 132 2.11 -2.32 -4.60
C TYR A 132 1.85 -2.54 -6.08
N TYR A 133 0.87 -3.38 -6.45
CA TYR A 133 0.45 -3.40 -7.85
C TYR A 133 -0.24 -2.10 -8.23
N ARG A 134 -0.98 -1.48 -7.30
CA ARG A 134 -1.59 -0.19 -7.59
C ARG A 134 -0.53 0.87 -7.85
N TYR A 135 0.55 0.88 -7.05
CA TYR A 135 1.60 1.86 -7.30
C TYR A 135 2.27 1.60 -8.65
N LEU A 136 2.46 0.32 -9.02
CA LEU A 136 2.92 0.03 -10.37
C LEU A 136 1.95 0.53 -11.43
N ALA A 137 0.65 0.37 -11.19
CA ALA A 137 -0.35 0.83 -12.14
C ALA A 137 -0.34 2.33 -12.31
N GLU A 138 -0.01 3.07 -11.25
CA GLU A 138 0.00 4.53 -11.34
C GLU A 138 0.97 5.03 -12.41
N VAL A 139 2.05 4.26 -12.67
CA VAL A 139 3.09 4.70 -13.60
C VAL A 139 3.11 3.88 -14.88
N ALA A 140 2.23 2.90 -15.01
CA ALA A 140 2.27 1.95 -16.11
C ALA A 140 1.63 2.55 -17.35
N THR A 141 2.24 2.26 -18.50
CA THR A 141 1.71 2.66 -19.81
C THR A 141 1.84 1.59 -20.90
N GLY A 142 2.45 0.43 -20.66
CA GLY A 142 2.79 -0.50 -21.73
C GLY A 142 1.78 -1.61 -21.94
N ASP A 143 2.22 -2.63 -22.71
CA ASP A 143 1.36 -3.76 -23.06
C ASP A 143 0.78 -4.44 -21.83
N ASP A 144 1.48 -4.37 -20.69
CA ASP A 144 1.06 -5.08 -19.49
C ASP A 144 0.22 -4.24 -18.54
N LYS A 145 -0.15 -3.01 -18.91
CA LYS A 145 -0.86 -2.14 -17.99
C LYS A 145 -2.15 -2.80 -17.48
N LYS A 146 -2.95 -3.36 -18.39
CA LYS A 146 -4.20 -3.94 -17.94
C LYS A 146 -3.95 -5.13 -17.01
N ARG A 147 -2.90 -5.91 -17.27
CA ARG A 147 -2.58 -7.02 -16.39
C ARG A 147 -2.11 -6.51 -15.02
N ILE A 148 -1.39 -5.39 -14.98
CA ILE A 148 -0.98 -4.84 -13.68
C ILE A 148 -2.21 -4.42 -12.88
N ILE A 149 -3.15 -3.73 -13.53
CA ILE A 149 -4.39 -3.33 -12.87
C ILE A 149 -5.15 -4.55 -12.39
N ASP A 150 -5.22 -5.59 -13.22
CA ASP A 150 -5.96 -6.76 -12.81
C ASP A 150 -5.28 -7.50 -11.67
N SER A 151 -3.95 -7.48 -11.62
CA SER A 151 -3.25 -8.08 -10.49
C SER A 151 -3.58 -7.37 -9.19
N ALA A 152 -3.63 -6.04 -9.23
CA ALA A 152 -4.03 -5.29 -8.03
C ALA A 152 -5.45 -5.67 -7.63
N ARG A 153 -6.37 -5.65 -8.59
CA ARG A 153 -7.78 -5.98 -8.32
C ARG A 153 -7.90 -7.36 -7.71
N SER A 154 -7.21 -8.34 -8.28
CA SER A 154 -7.33 -9.72 -7.82
C SER A 154 -6.85 -9.87 -6.38
N ALA A 155 -5.74 -9.23 -6.04
CA ALA A 155 -5.22 -9.31 -4.69
C ALA A 155 -6.15 -8.64 -3.70
N TYR A 156 -6.61 -7.43 -4.04
CA TYR A 156 -7.60 -6.75 -3.20
C TYR A 156 -8.86 -7.60 -3.02
N GLN A 157 -9.32 -8.24 -4.09
CA GLN A 157 -10.58 -8.99 -4.00
C GLN A 157 -10.43 -10.21 -3.10
N GLU A 158 -9.31 -10.94 -3.23
CA GLU A 158 -9.08 -12.05 -2.33
C GLU A 158 -9.01 -11.58 -0.87
N ALA A 159 -8.32 -10.48 -0.63
CA ALA A 159 -8.26 -9.92 0.73
C ALA A 159 -9.66 -9.55 1.22
N MET A 160 -10.48 -8.93 0.35
CA MET A 160 -11.84 -8.56 0.75
C MET A 160 -12.64 -9.79 1.11
N ASP A 161 -12.55 -10.83 0.26
CA ASP A 161 -13.36 -12.03 0.49
C ASP A 161 -13.04 -12.65 1.84
N ILE A 162 -11.74 -12.75 2.18
CA ILE A 162 -11.35 -13.30 3.46
C ILE A 162 -11.81 -12.39 4.59
N SER A 163 -11.59 -11.08 4.43
CA SER A 163 -11.92 -10.14 5.50
C SER A 163 -13.40 -10.16 5.84
N LYS A 164 -14.26 -10.33 4.85
CA LYS A 164 -15.69 -10.34 5.11
C LYS A 164 -16.11 -11.61 5.83
N LYS A 165 -15.42 -12.71 5.59
CA LYS A 165 -15.77 -13.96 6.24
C LYS A 165 -15.15 -14.09 7.63
N GLU A 166 -13.98 -13.51 7.87
N GLU A 166 -13.99 -13.49 7.87
CA GLU A 166 -13.20 -13.82 9.05
CA GLU A 166 -13.15 -13.82 9.01
C GLU A 166 -13.05 -12.68 10.05
C GLU A 166 -12.82 -12.65 9.93
N MET A 167 -13.29 -11.44 9.64
CA MET A 167 -13.06 -10.30 10.50
C MET A 167 -14.33 -9.50 10.73
N PRO A 168 -14.47 -8.87 11.90
CA PRO A 168 -15.59 -7.96 12.11
C PRO A 168 -15.46 -6.75 11.22
N PRO A 169 -16.57 -6.06 10.96
CA PRO A 169 -16.53 -4.91 10.03
C PRO A 169 -15.75 -3.73 10.55
N THR A 170 -15.41 -3.70 11.83
CA THR A 170 -14.59 -2.63 12.41
C THR A 170 -13.10 -2.97 12.46
N ASN A 171 -12.70 -4.16 12.08
CA ASN A 171 -11.30 -4.53 12.15
CA ASN A 171 -11.30 -4.53 12.15
C ASN A 171 -10.48 -3.53 11.35
N PRO A 172 -9.45 -2.92 11.93
CA PRO A 172 -8.73 -1.87 11.20
C PRO A 172 -8.04 -2.33 9.93
N ILE A 173 -7.60 -3.59 9.85
CA ILE A 173 -7.03 -4.11 8.60
C ILE A 173 -8.11 -4.15 7.54
N ARG A 174 -9.28 -4.68 7.89
CA ARG A 174 -10.40 -4.73 6.95
C ARG A 174 -10.78 -3.33 6.49
N LEU A 175 -10.83 -2.38 7.43
CA LEU A 175 -11.19 -1.02 7.07
C LEU A 175 -10.17 -0.40 6.13
N GLY A 176 -8.88 -0.55 6.44
CA GLY A 176 -7.86 0.05 5.59
C GLY A 176 -7.80 -0.58 4.21
N LEU A 177 -8.03 -1.90 4.15
CA LEU A 177 -8.16 -2.58 2.89
C LEU A 177 -9.26 -1.98 2.05
N ALA A 178 -10.45 -1.81 2.66
CA ALA A 178 -11.58 -1.26 1.92
C ALA A 178 -11.32 0.16 1.49
N LEU A 179 -10.72 0.96 2.37
CA LEU A 179 -10.34 2.32 2.00
C LEU A 179 -9.48 2.33 0.75
N ASN A 180 -8.45 1.50 0.74
CA ASN A 180 -7.49 1.49 -0.36
C ASN A 180 -8.08 0.88 -1.63
N PHE A 181 -8.89 -0.17 -1.50
CA PHE A 181 -9.53 -0.76 -2.67
C PHE A 181 -10.51 0.23 -3.30
N SER A 182 -11.18 1.02 -2.45
CA SER A 182 -12.05 2.07 -2.94
C SER A 182 -11.24 3.10 -3.74
N VAL A 183 -10.07 3.50 -3.24
CA VAL A 183 -9.22 4.42 -3.99
C VAL A 183 -8.75 3.78 -5.29
N PHE A 184 -8.39 2.49 -5.27
CA PHE A 184 -8.10 1.77 -6.50
C PHE A 184 -9.22 1.94 -7.51
N HIS A 185 -10.46 1.69 -7.09
CA HIS A 185 -11.57 1.84 -8.02
C HIS A 185 -11.65 3.25 -8.58
N TYR A 186 -11.50 4.26 -7.73
CA TYR A 186 -11.67 5.64 -8.16
C TYR A 186 -10.54 6.10 -9.09
N GLU A 187 -9.29 5.85 -8.69
CA GLU A 187 -8.14 6.45 -9.34
C GLU A 187 -7.50 5.56 -10.40
N ILE A 188 -7.65 4.25 -10.31
CA ILE A 188 -6.98 3.32 -11.20
C ILE A 188 -7.94 2.68 -12.19
N ALA A 189 -9.06 2.16 -11.69
CA ALA A 189 -9.98 1.42 -12.53
C ALA A 189 -11.04 2.28 -13.19
N ASN A 190 -11.03 3.60 -12.97
CA ASN A 190 -12.01 4.49 -13.57
C ASN A 190 -13.43 4.07 -13.20
N SER A 191 -13.61 3.68 -11.94
CA SER A 191 -14.88 3.20 -11.41
C SER A 191 -15.28 4.03 -10.19
N PRO A 192 -15.56 5.31 -10.39
CA PRO A 192 -15.88 6.14 -9.21
C PRO A 192 -17.13 5.69 -8.49
N GLU A 193 -18.14 5.16 -9.19
CA GLU A 193 -19.33 4.72 -8.48
C GLU A 193 -19.04 3.54 -7.58
N GLU A 194 -18.22 2.59 -8.05
CA GLU A 194 -17.83 1.47 -7.19
C GLU A 194 -17.04 1.96 -5.99
N ALA A 195 -16.16 2.94 -6.20
CA ALA A 195 -15.37 3.50 -5.11
C ALA A 195 -16.26 4.09 -4.05
N ILE A 196 -17.25 4.88 -4.46
CA ILE A 196 -18.15 5.53 -3.52
C ILE A 196 -19.01 4.50 -2.80
N SER A 197 -19.56 3.54 -3.54
CA SER A 197 -20.38 2.50 -2.92
C SER A 197 -19.58 1.73 -1.88
N LEU A 198 -18.36 1.33 -2.21
CA LEU A 198 -17.55 0.58 -1.27
C LEU A 198 -17.25 1.40 -0.02
N ALA A 199 -16.86 2.66 -0.18
CA ALA A 199 -16.57 3.48 0.99
C ALA A 199 -17.80 3.64 1.87
N LYS A 200 -18.97 3.87 1.26
CA LYS A 200 -20.20 4.08 2.04
C LYS A 200 -20.61 2.83 2.78
N THR A 201 -20.66 1.69 2.10
CA THR A 201 -21.05 0.45 2.74
C THR A 201 -20.07 0.07 3.84
N THR A 202 -18.77 0.25 3.60
CA THR A 202 -17.79 -0.05 4.63
C THR A 202 -18.02 0.81 5.86
N PHE A 203 -18.21 2.12 5.66
CA PHE A 203 -18.41 3.04 6.77
C PHE A 203 -19.65 2.65 7.56
N ASP A 204 -20.76 2.38 6.87
CA ASP A 204 -22.01 2.11 7.56
C ASP A 204 -21.96 0.79 8.32
N GLU A 205 -21.32 -0.23 7.75
CA GLU A 205 -21.24 -1.51 8.45
C GLU A 205 -20.30 -1.42 9.65
N ALA A 206 -19.25 -0.60 9.55
CA ALA A 206 -18.40 -0.36 10.72
C ALA A 206 -19.15 0.39 11.79
N MET A 207 -19.85 1.46 11.42
CA MET A 207 -20.62 2.23 12.39
C MET A 207 -21.48 1.33 13.26
N ALA A 208 -22.18 0.39 12.63
CA ALA A 208 -23.11 -0.48 13.33
C ALA A 208 -22.44 -1.48 14.25
N ASP A 209 -21.12 -1.67 14.14
CA ASP A 209 -20.39 -2.63 14.96
C ASP A 209 -19.55 -1.95 16.03
N LEU A 210 -19.50 -0.61 16.05
CA LEU A 210 -18.69 0.09 17.03
C LEU A 210 -19.11 -0.22 18.45
N HIS A 211 -20.38 -0.54 18.67
CA HIS A 211 -20.90 -0.74 20.02
C HIS A 211 -20.25 -1.92 20.71
N THR A 212 -19.61 -2.81 19.96
CA THR A 212 -19.00 -4.00 20.53
C THR A 212 -17.60 -3.76 21.05
N LEU A 213 -17.04 -2.58 20.83
CA LEU A 213 -15.61 -2.34 20.98
C LEU A 213 -15.27 -1.65 22.29
N SER A 214 -14.06 -1.91 22.77
CA SER A 214 -13.46 -1.14 23.84
C SER A 214 -13.13 0.27 23.36
N GLU A 215 -12.77 1.14 24.31
CA GLU A 215 -12.40 2.51 23.95
C GLU A 215 -11.19 2.53 23.01
N ASP A 216 -10.19 1.70 23.27
CA ASP A 216 -9.00 1.74 22.42
C ASP A 216 -9.30 1.20 21.03
N SER A 217 -10.08 0.12 20.93
CA SER A 217 -10.44 -0.39 19.61
C SER A 217 -11.31 0.62 18.86
N TYR A 218 -12.21 1.28 19.58
CA TYR A 218 -13.06 2.30 18.98
C TYR A 218 -12.24 3.41 18.35
N LYS A 219 -11.18 3.85 19.04
CA LYS A 219 -10.33 4.88 18.48
C LYS A 219 -9.67 4.40 17.19
N ASP A 220 -9.15 3.18 17.18
CA ASP A 220 -8.47 2.66 16.00
C ASP A 220 -9.42 2.61 14.82
N SER A 221 -10.65 2.15 15.05
CA SER A 221 -11.58 1.95 13.95
C SER A 221 -12.12 3.28 13.47
N THR A 222 -12.46 4.19 14.38
CA THR A 222 -13.04 5.46 13.95
C THR A 222 -12.03 6.31 13.21
N LEU A 223 -10.74 6.15 13.51
CA LEU A 223 -9.73 6.89 12.74
C LEU A 223 -9.84 6.55 11.27
N ILE A 224 -9.94 5.28 10.94
CA ILE A 224 -10.01 4.89 9.54
C ILE A 224 -11.37 5.20 8.95
N MET A 225 -12.44 5.10 9.75
CA MET A 225 -13.74 5.49 9.27
C MET A 225 -13.73 6.96 8.84
N GLN A 226 -13.00 7.80 9.56
CA GLN A 226 -12.94 9.20 9.17
C GLN A 226 -12.27 9.39 7.82
N LEU A 227 -11.26 8.57 7.51
CA LEU A 227 -10.63 8.62 6.19
C LEU A 227 -11.62 8.22 5.10
N LEU A 228 -12.45 7.20 5.36
CA LEU A 228 -13.51 6.84 4.42
C LEU A 228 -14.42 8.04 4.17
N ARG A 229 -14.84 8.70 5.25
CA ARG A 229 -15.71 9.88 5.10
C ARG A 229 -14.99 11.01 4.38
N ASP A 230 -13.70 11.21 4.67
CA ASP A 230 -12.96 12.24 3.97
C ASP A 230 -12.97 11.99 2.47
N ASN A 231 -12.74 10.73 2.06
CA ASN A 231 -12.78 10.43 0.64
C ASN A 231 -14.17 10.62 0.05
N LEU A 232 -15.20 10.19 0.76
CA LEU A 232 -16.57 10.40 0.27
C LEU A 232 -16.85 11.88 0.07
N THR A 233 -16.36 12.73 0.98
CA THR A 233 -16.54 14.17 0.84
C THR A 233 -15.80 14.70 -0.38
N LEU A 234 -14.60 14.19 -0.63
CA LEU A 234 -13.86 14.61 -1.81
C LEU A 234 -14.57 14.22 -3.10
N TRP A 235 -15.31 13.11 -3.08
CA TRP A 235 -15.84 12.53 -4.29
C TRP A 235 -17.30 12.84 -4.55
N THR A 236 -17.97 13.49 -3.61
CA THR A 236 -19.39 13.79 -3.77
C THR A 236 -19.66 15.26 -3.45
N PHE B 1 -4.90 14.38 -3.35
CA PHE B 1 -5.06 12.93 -3.44
C PHE B 1 -5.97 12.40 -2.34
N PRO B 2 -6.66 11.29 -2.63
CA PRO B 2 -7.48 10.66 -1.59
C PRO B 2 -6.64 9.91 -0.57
N ALA B 3 -7.25 9.66 0.58
CA ALA B 3 -6.58 9.02 1.67
C ALA B 3 -6.46 7.51 1.48
N TPO B 4 -5.28 6.99 1.77
CA TPO B 4 -5.02 5.55 1.84
CB TPO B 4 -4.31 5.04 0.57
CG2 TPO B 4 -5.25 5.15 -0.64
OG1 TPO B 4 -3.14 5.85 0.40
P TPO B 4 -2.01 5.45 -0.68
O1P TPO B 4 -0.74 6.27 -0.16
O2P TPO B 4 -2.43 5.88 -2.03
O3P TPO B 4 -1.77 3.89 -0.60
C TPO B 4 -4.14 5.30 3.07
O TPO B 4 -3.50 6.24 3.57
N VAL B 5 -4.11 4.08 3.55
CA VAL B 5 -3.28 3.72 4.68
C VAL B 5 -2.38 2.54 4.37
MG MG C . -18.67 -6.16 -3.63
MG MG D . 19.80 -16.41 14.32
MG MG E . 9.41 3.52 -17.71
C1 SDM F . 4.15 -0.18 15.13
C1 SDM F . 4.10 -0.08 15.04
C2 SDM F . 4.01 -1.10 16.13
C2 SDM F . 2.92 -0.32 14.43
C3 SDM F . 2.76 -1.84 16.09
C3 SDM F . 2.12 -1.32 15.06
C4 SDM F . 2.23 -2.88 16.88
C4 SDM F . 0.88 -1.89 14.71
C5 SDM F . 2.73 -3.40 19.26
C5 SDM F . -1.06 -1.17 13.31
C7 SDM F . 0.99 -3.44 16.60
C7 SDM F . 0.34 -2.93 15.46
C9 SDM F . 0.73 -1.96 14.72
C9 SDM F . 2.23 -2.88 16.95
N SDM F . 6.43 0.70 15.36
N SDM F . 6.37 0.77 15.05
C SDM F . 5.27 0.70 14.84
C SDM F . 5.18 0.81 14.62
O SDM F . 3.08 -3.35 17.86
O SDM F . 0.35 -1.43 13.53
C10 SDM F . 1.98 -1.40 15.01
C10 SDM F . 2.77 -1.85 16.20
C6 SDM F . 1.35 -2.86 19.50
C6 SDM F . -1.87 -1.44 14.53
C8 SDM F . 0.26 -2.98 15.51
C8 SDM F . 1.01 -3.42 16.58
N1 SDM F . 5.00 1.62 13.91
N1 SDM F . 4.86 1.71 13.68
S SDM F . 2.75 -0.13 14.10
S SDM F . 4.32 -1.08 16.47
H2 SDM F . 4.75 -1.30 16.91
H2 SDM F . 2.57 0.20 13.53
H3 SDM F . 2.80 -4.42 19.63
H3 SDM F . -1.43 -1.78 12.49
H4 SDM F . 3.46 -2.82 19.83
H4 SDM F . -1.19 -0.13 13.01
H8 SDM F . 0.59 -4.24 17.20
H8 SDM F . -0.62 -3.37 15.20
H10 SDM F . 0.14 -1.60 13.88
H10 SDM F . 2.76 -3.26 17.83
H SDM F . 7.06 1.43 15.04
H SDM F . 7.01 1.43 14.63
H5 SDM F . 0.58 -3.52 19.08
H5 SDM F . -2.00 -2.50 14.70
H6 SDM F . 1.20 -1.88 19.04
H6 SDM F . -1.42 -1.03 15.43
H7 SDM F . 1.12 -2.75 20.55
H7 SDM F . -2.87 -1.02 14.46
H9 SDM F . -0.72 -3.44 15.30
H9 SDM F . 0.58 -4.24 17.15
H12 SDM F . 4.08 1.69 13.48
H12 SDM F . 3.93 1.77 13.29
H11 SDM F . 5.70 2.31 13.62
H11 SDM F . 5.55 2.37 13.33
#